data_4V07
#
_entry.id   4V07
#
_cell.length_a   51.375
_cell.length_b   75.986
_cell.length_c   110.758
_cell.angle_alpha   90.00
_cell.angle_beta   90.00
_cell.angle_gamma   90.00
#
_symmetry.space_group_name_H-M   'P 21 21 21'
#
loop_
_entity.id
_entity.type
_entity.pdbx_description
1 polymer UL26
2 non-polymer 'CHLORIDE ION'
3 non-polymer 'MAGNESIUM ION'
4 water water
#
_entity_poly.entity_id   1
_entity_poly.type   'polypeptide(L)'
_entity_poly.pdbx_seq_one_letter_code
;MGSSHHHHHHSSGLVPRGSHMGPVYVSGYLALYDRDGGELALTREIVAAALPPAGPLPINIDHRPRCDIGAVLAVVDDDR
GPFFLGVVNCPQLGAVLARAVGPDFFGDMRLSDEERLLYLLSNYLPSASLSSRRLAPGEAPDETLFAHVALCVIGRRVGT
IVVYDASPEAAVAPFRQLSARARSELLARAAESPDRERVWHMSEEALTRALLSTAVNNMLLRDRWELVAARRREAGVRGH
TYLQ
;
_entity_poly.pdbx_strand_id   A,B
#
loop_
_chem_comp.id
_chem_comp.type
_chem_comp.name
_chem_comp.formula
CL non-polymer 'CHLORIDE ION' 'Cl -1'
MG non-polymer 'MAGNESIUM ION' 'Mg 2'
#
# COMPACT_ATOMS: atom_id res chain seq x y z
N MET A 21 6.09 9.62 -23.30
CA MET A 21 4.87 9.61 -22.43
C MET A 21 4.78 10.95 -21.65
N GLY A 22 3.94 11.86 -22.14
CA GLY A 22 3.90 13.27 -21.68
C GLY A 22 3.37 13.55 -20.28
N PRO A 23 3.29 14.85 -19.89
CA PRO A 23 3.09 15.23 -18.48
C PRO A 23 1.69 15.03 -17.92
N VAL A 24 1.61 15.04 -16.61
CA VAL A 24 0.40 14.87 -15.83
C VAL A 24 0.21 16.17 -15.08
N TYR A 25 -1.04 16.51 -14.78
CA TYR A 25 -1.33 17.73 -14.03
C TYR A 25 -2.05 17.34 -12.78
N VAL A 26 -1.76 18.10 -11.72
CA VAL A 26 -2.34 17.86 -10.42
C VAL A 26 -2.79 19.18 -9.83
N SER A 27 -3.92 19.16 -9.15
CA SER A 27 -4.38 20.40 -8.57
C SER A 27 -5.17 20.14 -7.34
N GLY A 28 -5.30 21.18 -6.54
CA GLY A 28 -6.07 21.11 -5.31
C GLY A 28 -5.77 22.26 -4.34
N TYR A 29 -6.62 22.33 -3.31
CA TYR A 29 -6.44 23.29 -2.24
C TYR A 29 -5.26 22.83 -1.42
N LEU A 30 -4.35 23.74 -1.19
CA LEU A 30 -3.25 23.54 -0.23
C LEU A 30 -3.70 23.75 1.23
N ALA A 31 -4.67 24.63 1.45
CA ALA A 31 -5.36 24.75 2.72
C ALA A 31 -6.74 25.41 2.51
N LEU A 32 -7.62 25.30 3.50
CA LEU A 32 -8.93 25.92 3.49
C LEU A 32 -9.11 26.85 4.72
N TYR A 33 -9.25 28.15 4.46
CA TYR A 33 -9.31 29.13 5.54
C TYR A 33 -10.39 28.79 6.57
N ASP A 34 -10.08 29.00 7.85
CA ASP A 34 -11.01 28.80 8.96
C ASP A 34 -11.36 27.36 9.30
N ARG A 35 -10.67 26.39 8.72
CA ARG A 35 -11.04 24.98 8.93
C ARG A 35 -10.08 24.21 9.84
N ASP A 36 -8.82 24.60 9.92
CA ASP A 36 -7.92 23.80 10.78
C ASP A 36 -7.80 24.47 12.14
N GLY A 37 -6.68 24.27 12.81
CA GLY A 37 -6.36 25.01 14.02
C GLY A 37 -4.89 24.88 14.37
N GLY A 38 -4.55 25.47 15.52
CA GLY A 38 -3.24 25.34 16.09
C GLY A 38 -2.14 25.60 15.09
N GLU A 39 -1.29 24.61 14.92
CA GLU A 39 -0.14 24.71 14.07
C GLU A 39 -0.51 24.66 12.61
N LEU A 40 -1.71 24.19 12.30
CA LEU A 40 -2.04 23.91 10.90
C LEU A 40 -2.66 25.06 10.22
N ALA A 41 -3.37 25.89 10.96
CA ALA A 41 -4.24 26.87 10.33
C ALA A 41 -3.45 27.88 9.48
N LEU A 42 -3.92 28.10 8.25
CA LEU A 42 -3.41 29.19 7.40
C LEU A 42 -4.37 30.37 7.33
N THR A 43 -3.76 31.55 7.37
CA THR A 43 -4.43 32.80 7.57
C THR A 43 -4.44 33.49 6.23
N ARG A 44 -5.39 34.39 6.04
CA ARG A 44 -5.47 35.09 4.78
C ARG A 44 -4.26 36.00 4.55
N GLU A 45 -3.86 36.70 5.61
CA GLU A 45 -2.72 37.64 5.58
C GLU A 45 -1.46 36.99 5.14
N ILE A 46 -1.27 35.79 5.69
CA ILE A 46 -0.05 35.09 5.59
C ILE A 46 -0.02 34.60 4.17
N VAL A 47 -1.13 34.02 3.76
CA VAL A 47 -1.25 33.49 2.36
C VAL A 47 -1.04 34.65 1.39
N ALA A 48 -1.72 35.77 1.67
CA ALA A 48 -1.57 36.96 0.86
C ALA A 48 -0.11 37.40 0.79
N ALA A 49 0.57 37.37 1.93
CA ALA A 49 1.96 37.75 1.98
C ALA A 49 2.83 36.76 1.22
N ALA A 50 2.43 35.50 1.16
CA ALA A 50 3.30 34.47 0.64
C ALA A 50 3.19 34.26 -0.88
N LEU A 51 2.24 34.93 -1.54
CA LEU A 51 2.12 34.81 -3.01
C LEU A 51 2.59 36.06 -3.76
N PRO A 52 3.02 35.92 -5.01
CA PRO A 52 3.32 34.64 -5.63
C PRO A 52 4.59 34.08 -5.01
N PRO A 53 4.70 32.75 -4.96
CA PRO A 53 5.86 32.13 -4.35
C PRO A 53 7.07 32.64 -5.07
N ALA A 54 8.13 32.82 -4.33
CA ALA A 54 9.29 33.51 -4.84
C ALA A 54 10.07 32.66 -5.82
N GLY A 55 10.14 31.36 -5.58
CA GLY A 55 10.98 30.52 -6.41
C GLY A 55 10.16 29.40 -6.95
N PRO A 56 10.77 28.54 -7.78
CA PRO A 56 10.17 27.23 -8.10
C PRO A 56 9.76 26.47 -6.83
N LEU A 57 8.53 25.96 -6.75
CA LEU A 57 8.04 25.17 -5.61
C LEU A 57 7.93 23.74 -6.02
N PRO A 58 8.89 22.93 -5.63
CA PRO A 58 8.85 21.59 -6.18
C PRO A 58 7.74 20.75 -5.60
N ILE A 59 7.52 19.63 -6.27
CA ILE A 59 6.56 18.63 -5.84
C ILE A 59 7.29 17.30 -5.66
N ASN A 60 7.12 16.69 -4.50
CA ASN A 60 7.82 15.45 -4.22
C ASN A 60 6.85 14.47 -3.62
N ILE A 61 7.37 13.30 -3.28
CA ILE A 61 6.54 12.30 -2.63
C ILE A 61 6.84 12.25 -1.12
N ASP A 62 5.80 12.43 -0.30
CA ASP A 62 5.90 12.29 1.14
C ASP A 62 7.02 13.12 1.79
N HIS A 63 7.35 14.26 1.20
CA HIS A 63 8.34 15.18 1.71
C HIS A 63 9.76 14.67 1.60
N ARG A 64 10.02 13.65 0.78
CA ARG A 64 11.36 13.09 0.66
C ARG A 64 12.23 14.02 -0.16
N PRO A 65 13.50 14.19 0.25
CA PRO A 65 14.42 14.98 -0.57
C PRO A 65 14.96 14.03 -1.61
N ARG A 66 15.54 14.54 -2.68
CA ARG A 66 16.01 13.68 -3.77
C ARG A 66 14.83 12.92 -4.35
N CYS A 67 13.64 13.48 -4.25
CA CYS A 67 12.44 12.81 -4.76
C CYS A 67 11.41 13.75 -5.44
N ASP A 68 11.97 14.67 -6.24
CA ASP A 68 11.23 15.69 -6.98
C ASP A 68 10.76 15.08 -8.27
N ILE A 69 9.47 15.16 -8.54
CA ILE A 69 8.89 14.57 -9.72
C ILE A 69 8.11 15.59 -10.50
N GLY A 70 8.10 16.81 -9.99
CA GLY A 70 7.38 17.90 -10.64
C GLY A 70 7.49 19.23 -9.89
N ALA A 71 6.63 20.17 -10.28
CA ALA A 71 6.64 21.49 -9.72
C ALA A 71 5.27 22.19 -9.79
N VAL A 72 5.00 23.07 -8.84
CA VAL A 72 3.81 23.86 -8.79
C VAL A 72 3.96 24.87 -9.90
N LEU A 73 3.00 24.95 -10.79
CA LEU A 73 3.09 25.94 -11.85
C LEU A 73 2.48 27.27 -11.41
N ALA A 74 1.56 27.23 -10.47
CA ALA A 74 0.93 28.41 -10.01
C ALA A 74 0.16 28.08 -8.78
N VAL A 75 0.04 29.08 -7.92
CA VAL A 75 -0.84 29.03 -6.76
C VAL A 75 -1.62 30.28 -6.78
N VAL A 76 -2.90 30.21 -6.40
CA VAL A 76 -3.78 31.40 -6.38
C VAL A 76 -4.55 31.48 -5.07
N ASP A 77 -5.00 32.68 -4.73
CA ASP A 77 -5.67 32.92 -3.49
C ASP A 77 -7.15 32.88 -3.82
N ASP A 78 -7.71 31.69 -3.81
CA ASP A 78 -9.15 31.54 -3.97
C ASP A 78 -9.85 31.87 -2.67
N ASP A 79 -11.09 32.31 -2.77
CA ASP A 79 -11.88 32.67 -1.58
C ASP A 79 -11.74 31.71 -0.45
N ARG A 80 -11.82 30.43 -0.77
CA ARG A 80 -11.83 29.39 0.27
C ARG A 80 -10.43 29.02 0.81
N GLY A 81 -9.37 29.43 0.11
CA GLY A 81 -8.02 28.97 0.44
C GLY A 81 -7.07 29.09 -0.72
N PRO A 82 -5.77 28.88 -0.46
CA PRO A 82 -4.82 28.84 -1.55
C PRO A 82 -4.98 27.54 -2.34
N PHE A 83 -4.94 27.66 -3.66
CA PHE A 83 -5.26 26.55 -4.55
C PHE A 83 -4.13 26.42 -5.53
N PHE A 84 -3.65 25.20 -5.81
CA PHE A 84 -2.53 25.10 -6.74
C PHE A 84 -2.75 24.16 -7.92
N LEU A 85 -1.87 24.34 -8.91
CA LEU A 85 -1.84 23.56 -10.12
C LEU A 85 -0.40 23.23 -10.38
N GLY A 86 -0.16 21.93 -10.62
CA GLY A 86 1.16 21.36 -10.67
C GLY A 86 1.30 20.50 -11.91
N VAL A 87 2.54 20.37 -12.35
CA VAL A 87 2.90 19.42 -13.37
C VAL A 87 3.73 18.34 -12.71
N VAL A 88 3.51 17.09 -13.11
CA VAL A 88 4.32 15.94 -12.64
C VAL A 88 4.73 15.30 -13.96
N ASN A 89 6.03 15.33 -14.22
CA ASN A 89 6.54 14.81 -15.44
C ASN A 89 7.83 13.97 -15.27
N CYS A 90 7.59 12.71 -14.93
CA CYS A 90 8.62 11.79 -14.55
C CYS A 90 8.30 10.47 -15.20
N PRO A 91 8.92 10.18 -16.33
CA PRO A 91 8.58 8.96 -17.14
C PRO A 91 8.68 7.63 -16.37
N GLN A 92 9.60 7.56 -15.41
CA GLN A 92 9.81 6.30 -14.67
C GLN A 92 8.69 6.06 -13.70
N LEU A 93 8.07 7.14 -13.26
CA LEU A 93 6.97 7.01 -12.36
C LEU A 93 5.91 6.10 -12.98
N GLY A 94 5.66 6.28 -14.28
CA GLY A 94 4.66 5.48 -14.98
C GLY A 94 5.13 4.06 -15.14
N ALA A 95 6.39 3.88 -15.46
CA ALA A 95 6.96 2.53 -15.58
C ALA A 95 6.73 1.73 -14.28
N VAL A 96 7.14 2.34 -13.18
CA VAL A 96 7.13 1.73 -11.88
C VAL A 96 5.73 1.40 -11.42
N LEU A 97 4.79 2.35 -11.52
CA LEU A 97 3.40 2.00 -11.19
C LEU A 97 2.77 0.94 -12.17
N ALA A 98 3.06 1.03 -13.45
CA ALA A 98 2.44 0.10 -14.38
C ALA A 98 2.97 -1.31 -14.19
N ARG A 99 4.26 -1.42 -13.94
CA ARG A 99 4.89 -2.69 -13.55
C ARG A 99 4.23 -3.31 -12.33
N ALA A 100 3.86 -2.53 -11.34
CA ALA A 100 3.29 -3.06 -10.12
C ALA A 100 1.89 -3.64 -10.22
N VAL A 101 1.06 -3.18 -11.15
CA VAL A 101 -0.32 -3.66 -11.12
C VAL A 101 -0.33 -5.06 -11.61
N GLY A 102 -1.21 -5.84 -11.03
CA GLY A 102 -1.39 -7.23 -11.39
C GLY A 102 -2.15 -7.31 -12.68
N PRO A 103 -2.23 -8.49 -13.25
CA PRO A 103 -2.71 -8.58 -14.63
C PRO A 103 -4.23 -8.40 -14.77
N ASP A 104 -4.99 -8.55 -13.67
CA ASP A 104 -6.45 -8.51 -13.69
C ASP A 104 -7.04 -7.34 -12.92
N PHE A 105 -6.18 -6.42 -12.52
CA PHE A 105 -6.60 -5.22 -11.83
C PHE A 105 -7.58 -4.38 -12.69
N PHE A 106 -7.29 -4.28 -13.98
CA PHE A 106 -8.14 -3.51 -14.90
C PHE A 106 -9.24 -4.32 -15.60
N GLY A 107 -9.42 -5.57 -15.15
CA GLY A 107 -10.36 -6.49 -15.79
C GLY A 107 -10.19 -6.49 -17.29
N ASP A 108 -11.27 -6.31 -18.04
CA ASP A 108 -11.20 -6.34 -19.50
C ASP A 108 -10.98 -4.97 -20.16
N MET A 109 -10.70 -3.95 -19.38
CA MET A 109 -10.38 -2.64 -19.93
C MET A 109 -9.04 -2.64 -20.66
N ARG A 110 -8.92 -1.77 -21.64
CA ARG A 110 -7.68 -1.55 -22.29
C ARG A 110 -7.47 -0.11 -22.00
N LEU A 111 -6.35 0.25 -21.39
CA LEU A 111 -6.07 1.62 -21.07
C LEU A 111 -4.77 2.05 -21.70
N SER A 112 -4.67 3.31 -22.05
CA SER A 112 -3.43 3.88 -22.50
C SER A 112 -2.55 3.97 -21.31
N ASP A 113 -1.27 4.07 -21.59
CA ASP A 113 -0.29 4.15 -20.53
C ASP A 113 -0.57 5.43 -19.72
N GLU A 114 -1.01 6.49 -20.39
CA GLU A 114 -1.37 7.74 -19.73
C GLU A 114 -2.57 7.55 -18.80
N GLU A 115 -3.58 6.81 -19.26
CA GLU A 115 -4.81 6.66 -18.47
C GLU A 115 -4.54 5.82 -17.21
N ARG A 116 -3.80 4.76 -17.39
CA ARG A 116 -3.42 3.88 -16.31
C ARG A 116 -2.66 4.62 -15.21
N LEU A 117 -1.64 5.37 -15.63
CA LEU A 117 -0.89 6.20 -14.71
C LEU A 117 -1.79 7.16 -13.91
N LEU A 118 -2.69 7.84 -14.63
CA LEU A 118 -3.65 8.75 -13.98
C LEU A 118 -4.47 8.05 -12.95
N TYR A 119 -4.97 6.88 -13.28
CA TYR A 119 -5.79 6.20 -12.30
C TYR A 119 -4.94 5.76 -11.06
N LEU A 120 -3.78 5.19 -11.33
CA LEU A 120 -2.94 4.64 -10.24
C LEU A 120 -2.48 5.74 -9.33
N LEU A 121 -1.99 6.83 -9.89
CA LEU A 121 -1.65 7.98 -9.08
C LEU A 121 -2.79 8.49 -8.23
N SER A 122 -3.93 8.73 -8.85
CA SER A 122 -5.11 9.19 -8.18
C SER A 122 -5.44 8.41 -6.94
N ASN A 123 -5.23 7.09 -6.99
CA ASN A 123 -5.63 6.30 -5.90
C ASN A 123 -4.51 5.95 -4.93
N TYR A 124 -3.27 6.07 -5.38
CA TYR A 124 -2.14 5.74 -4.58
C TYR A 124 -1.71 6.94 -3.77
N LEU A 125 -1.76 8.12 -4.37
CA LEU A 125 -1.39 9.37 -3.74
C LEU A 125 -2.49 10.49 -3.84
N PRO A 126 -3.57 10.33 -3.11
CA PRO A 126 -4.73 11.20 -3.31
C PRO A 126 -4.75 12.54 -2.64
N SER A 127 -3.71 12.84 -1.85
CA SER A 127 -3.61 14.10 -1.11
C SER A 127 -2.32 14.85 -1.36
N ALA A 128 -2.32 16.12 -0.94
CA ALA A 128 -1.16 16.92 -0.94
C ALA A 128 -0.92 17.61 0.43
N SER A 129 0.33 18.01 0.65
CA SER A 129 0.75 18.60 1.91
C SER A 129 1.72 19.71 1.54
N LEU A 130 1.39 20.94 1.91
CA LEU A 130 2.30 22.04 1.69
C LEU A 130 3.21 22.17 2.90
N SER A 131 4.51 22.16 2.69
CA SER A 131 5.37 22.54 3.79
C SER A 131 5.91 23.97 3.59
N SER A 132 6.03 24.68 4.71
CA SER A 132 6.47 26.05 4.78
C SER A 132 7.75 26.18 5.60
N ARG A 133 8.45 27.29 5.45
CA ARG A 133 9.60 27.55 6.27
C ARG A 133 9.17 28.04 7.63
N ARG A 134 10.02 27.73 8.63
CA ARG A 134 9.90 28.30 9.94
C ARG A 134 10.34 29.77 9.82
N LEU A 135 9.57 30.69 10.41
CA LEU A 135 9.95 32.12 10.52
C LEU A 135 10.70 32.46 11.77
N ALA A 136 11.70 33.32 11.66
CA ALA A 136 12.45 33.76 12.80
C ALA A 136 11.60 34.79 13.53
N PRO A 137 11.95 35.07 14.80
CA PRO A 137 11.25 36.05 15.63
C PRO A 137 11.03 37.37 14.90
N GLY A 138 9.80 37.89 14.96
CA GLY A 138 9.50 39.22 14.40
C GLY A 138 9.55 39.29 12.88
N GLU A 139 10.01 38.22 12.26
CA GLU A 139 10.27 38.24 10.84
C GLU A 139 8.90 38.15 10.14
N ALA A 140 8.47 39.21 9.47
CA ALA A 140 7.20 39.15 8.75
C ALA A 140 7.24 38.09 7.63
N PRO A 141 6.18 37.28 7.51
CA PRO A 141 6.16 36.32 6.40
C PRO A 141 6.12 37.02 5.03
N ASP A 142 6.79 36.41 4.05
CA ASP A 142 6.88 36.96 2.69
C ASP A 142 6.81 35.84 1.65
N GLU A 143 7.27 36.13 0.44
CA GLU A 143 7.14 35.24 -0.69
C GLU A 143 8.02 34.00 -0.54
N THR A 144 8.88 33.98 0.47
CA THR A 144 9.77 32.83 0.69
C THR A 144 9.16 31.73 1.59
N LEU A 145 7.90 31.88 2.00
CA LEU A 145 7.32 31.06 3.06
C LEU A 145 7.08 29.61 2.67
N PHE A 146 6.54 29.39 1.46
CA PHE A 146 6.20 28.04 1.01
C PHE A 146 7.41 27.33 0.47
N ALA A 147 7.64 26.10 0.87
CA ALA A 147 8.85 25.41 0.48
C ALA A 147 8.56 24.47 -0.65
N HIS A 148 7.58 23.60 -0.47
CA HIS A 148 7.28 22.57 -1.45
C HIS A 148 5.94 21.94 -1.15
N VAL A 149 5.53 21.07 -2.06
CA VAL A 149 4.29 20.34 -1.94
C VAL A 149 4.61 18.89 -2.05
N ALA A 150 4.14 18.12 -1.08
CA ALA A 150 4.30 16.67 -1.12
C ALA A 150 3.02 15.99 -1.46
N LEU A 151 3.10 15.02 -2.36
CA LEU A 151 2.01 14.12 -2.54
C LEU A 151 2.07 12.98 -1.52
N CYS A 152 0.91 12.60 -1.03
CA CYS A 152 0.83 11.74 0.11
C CYS A 152 -0.53 11.11 0.09
N VAL A 153 -0.80 10.16 0.98
CA VAL A 153 -2.07 9.51 1.05
C VAL A 153 -3.12 10.42 1.75
N ILE A 154 -2.81 10.86 2.97
CA ILE A 154 -3.72 11.75 3.72
C ILE A 154 -2.92 12.95 4.13
N GLY A 155 -3.39 14.15 3.83
CA GLY A 155 -2.78 15.34 4.38
C GLY A 155 -3.46 15.69 5.69
N ARG A 156 -2.72 16.31 6.59
CA ARG A 156 -3.27 16.71 7.86
C ARG A 156 -4.29 17.84 7.78
N ARG A 157 -4.24 18.68 6.74
CA ARG A 157 -5.14 19.83 6.64
C ARG A 157 -6.42 19.44 5.96
N VAL A 158 -7.48 20.06 6.44
CA VAL A 158 -8.82 19.81 5.95
C VAL A 158 -8.88 20.06 4.43
N GLY A 159 -9.58 19.18 3.75
CA GLY A 159 -9.80 19.32 2.29
C GLY A 159 -8.61 19.32 1.33
N THR A 160 -7.49 18.74 1.74
CA THR A 160 -6.32 18.65 0.88
C THR A 160 -6.26 17.39 -0.02
N ILE A 161 -7.34 17.14 -0.75
CA ILE A 161 -7.34 16.18 -1.83
C ILE A 161 -6.74 16.78 -3.10
N VAL A 162 -6.18 15.92 -3.95
CA VAL A 162 -5.79 16.34 -5.26
C VAL A 162 -6.57 15.56 -6.31
N VAL A 163 -6.65 16.18 -7.48
CA VAL A 163 -7.12 15.58 -8.72
C VAL A 163 -5.94 15.58 -9.68
N TYR A 164 -5.73 14.47 -10.38
CA TYR A 164 -4.70 14.35 -11.41
C TYR A 164 -5.42 14.19 -12.74
N ASP A 165 -4.92 14.76 -13.82
CA ASP A 165 -5.47 14.51 -15.13
C ASP A 165 -4.52 14.95 -16.23
N ALA A 166 -4.98 14.84 -17.49
CA ALA A 166 -4.12 15.00 -18.66
C ALA A 166 -3.89 16.45 -19.13
N SER A 167 -4.72 17.39 -18.67
CA SER A 167 -4.59 18.77 -19.03
C SER A 167 -4.78 19.57 -17.76
N PRO A 168 -4.25 20.78 -17.71
CA PRO A 168 -4.54 21.59 -16.54
C PRO A 168 -6.03 21.89 -16.41
N GLU A 169 -6.76 21.94 -17.55
CA GLU A 169 -8.18 22.22 -17.51
C GLU A 169 -8.95 21.10 -16.88
N ALA A 170 -8.65 19.88 -17.28
CA ALA A 170 -9.27 18.72 -16.67
C ALA A 170 -8.86 18.55 -15.19
N ALA A 171 -7.63 18.85 -14.83
CA ALA A 171 -7.21 18.70 -13.44
C ALA A 171 -7.99 19.59 -12.46
N VAL A 172 -8.38 20.82 -12.87
CA VAL A 172 -9.08 21.75 -11.96
C VAL A 172 -10.59 21.63 -12.02
N ALA A 173 -11.09 21.04 -13.10
CA ALA A 173 -12.50 21.02 -13.41
C ALA A 173 -13.37 20.47 -12.27
N PRO A 174 -12.93 19.44 -11.57
CA PRO A 174 -13.87 18.88 -10.58
C PRO A 174 -14.08 19.71 -9.29
N PHE A 175 -13.29 20.76 -9.12
CA PHE A 175 -13.41 21.66 -7.95
C PHE A 175 -14.53 22.69 -8.13
N ARG A 176 -15.67 22.34 -7.58
CA ARG A 176 -16.88 23.03 -7.88
C ARG A 176 -16.92 24.37 -7.18
N GLN A 177 -16.27 24.54 -6.05
CA GLN A 177 -16.39 25.82 -5.37
C GLN A 177 -15.22 26.72 -5.63
N LEU A 178 -14.33 26.31 -6.51
CA LEU A 178 -13.18 27.15 -6.87
C LEU A 178 -13.74 28.30 -7.65
N SER A 179 -13.48 29.55 -7.27
CA SER A 179 -14.08 30.67 -8.04
C SER A 179 -13.61 30.72 -9.52
N ALA A 180 -14.48 31.23 -10.39
CA ALA A 180 -14.18 31.30 -11.79
C ALA A 180 -12.95 32.18 -11.95
N ARG A 181 -12.99 33.27 -11.21
CA ARG A 181 -11.89 34.20 -11.25
C ARG A 181 -10.56 33.52 -10.90
N ALA A 182 -10.54 32.73 -9.86
CA ALA A 182 -9.26 32.11 -9.43
C ALA A 182 -8.80 31.10 -10.46
N ARG A 183 -9.71 30.26 -10.90
CA ARG A 183 -9.42 29.28 -11.99
C ARG A 183 -8.77 29.96 -13.21
N SER A 184 -9.34 31.07 -13.66
CA SER A 184 -8.77 31.81 -14.77
C SER A 184 -7.35 32.29 -14.48
N GLU A 185 -7.12 32.90 -13.32
CA GLU A 185 -5.76 33.35 -13.00
C GLU A 185 -4.80 32.18 -12.93
N LEU A 186 -5.30 31.08 -12.41
CA LEU A 186 -4.52 29.88 -12.17
C LEU A 186 -4.01 29.34 -13.48
N LEU A 187 -4.91 29.06 -14.40
CA LEU A 187 -4.53 28.46 -15.67
C LEU A 187 -3.62 29.39 -16.44
N ALA A 188 -3.83 30.71 -16.32
CA ALA A 188 -3.09 31.65 -17.16
C ALA A 188 -1.66 31.72 -16.69
N ARG A 189 -1.50 31.80 -15.38
CA ARG A 189 -0.18 31.84 -14.79
C ARG A 189 0.55 30.51 -15.06
N ALA A 190 -0.16 29.40 -14.95
CA ALA A 190 0.47 28.12 -15.17
C ALA A 190 1.00 28.04 -16.58
N ALA A 191 0.24 28.52 -17.57
CA ALA A 191 0.71 28.49 -18.97
C ALA A 191 1.97 29.28 -19.23
N GLU A 192 2.29 30.20 -18.32
CA GLU A 192 3.47 31.03 -18.45
C GLU A 192 4.59 30.60 -17.56
N SER A 193 4.39 29.56 -16.73
CA SER A 193 5.45 29.12 -15.82
C SER A 193 6.63 28.59 -16.61
N PRO A 194 7.84 28.88 -16.15
CA PRO A 194 9.05 28.38 -16.81
C PRO A 194 9.24 26.86 -16.69
N ASP A 195 8.67 26.30 -15.63
CA ASP A 195 8.79 24.89 -15.31
C ASP A 195 7.87 24.01 -16.14
N ARG A 196 6.98 24.62 -16.95
CA ARG A 196 5.88 23.84 -17.48
C ARG A 196 6.33 22.79 -18.43
N GLU A 197 7.46 22.99 -19.11
CA GLU A 197 7.91 22.01 -20.12
C GLU A 197 8.95 21.04 -19.56
N ARG A 198 9.28 21.16 -18.27
CA ARG A 198 10.38 20.41 -17.66
C ARG A 198 10.18 18.92 -17.49
N VAL A 199 11.29 18.21 -17.35
CA VAL A 199 11.26 16.79 -17.08
C VAL A 199 12.07 16.49 -15.84
N TRP A 200 11.54 15.56 -15.06
CA TRP A 200 12.22 15.00 -13.95
C TRP A 200 12.45 13.50 -14.28
N HIS A 201 13.66 13.16 -14.67
CA HIS A 201 14.06 11.76 -14.73
C HIS A 201 14.54 11.32 -13.35
N MET A 202 14.10 10.15 -12.95
CA MET A 202 14.50 9.62 -11.67
C MET A 202 14.74 8.13 -11.79
N SER A 203 15.70 7.63 -11.01
CA SER A 203 15.98 6.22 -10.96
C SER A 203 14.73 5.40 -10.58
N GLU A 204 14.43 4.36 -11.36
CA GLU A 204 13.33 3.46 -11.07
C GLU A 204 13.45 2.86 -9.70
N GLU A 205 14.68 2.55 -9.34
CA GLU A 205 14.92 1.90 -8.09
C GLU A 205 14.57 2.85 -6.93
N ALA A 206 15.00 4.11 -7.00
CA ALA A 206 14.71 5.11 -5.95
C ALA A 206 13.20 5.43 -5.84
N LEU A 207 12.49 5.32 -6.95
CA LEU A 207 11.07 5.60 -6.97
C LEU A 207 10.33 4.48 -6.34
N THR A 208 10.76 3.28 -6.69
CA THR A 208 10.13 2.09 -6.13
C THR A 208 10.27 2.15 -4.63
N ARG A 209 11.44 2.51 -4.15
CA ARG A 209 11.61 2.65 -2.70
C ARG A 209 10.69 3.73 -2.09
N ALA A 210 10.65 4.89 -2.73
CA ALA A 210 9.86 5.99 -2.16
C ALA A 210 8.42 5.53 -2.04
N LEU A 211 7.94 4.86 -3.08
CA LEU A 211 6.50 4.48 -3.09
C LEU A 211 6.20 3.33 -2.17
N LEU A 212 7.16 2.41 -1.98
CA LEU A 212 6.99 1.39 -0.98
C LEU A 212 6.95 2.04 0.44
N SER A 213 7.72 3.08 0.63
CA SER A 213 7.74 3.76 1.90
C SER A 213 6.37 4.30 2.23
N THR A 214 5.73 4.85 1.19
CA THR A 214 4.36 5.34 1.29
C THR A 214 3.43 4.27 1.82
N ALA A 215 3.51 3.07 1.25
CA ALA A 215 2.61 2.00 1.66
C ALA A 215 2.90 1.52 3.06
N VAL A 216 4.17 1.37 3.37
CA VAL A 216 4.50 0.82 4.68
C VAL A 216 4.09 1.80 5.79
N ASN A 217 4.46 3.06 5.60
CA ASN A 217 4.01 4.09 6.48
C ASN A 217 2.52 4.30 6.53
N ASN A 218 1.74 3.88 5.55
CA ASN A 218 0.30 4.01 5.77
C ASN A 218 -0.40 2.72 5.97
N MET A 219 0.36 1.62 6.05
CA MET A 219 -0.29 0.29 6.09
C MET A 219 -1.32 0.15 7.24
N LEU A 220 -1.05 0.77 8.40
CA LEU A 220 -1.97 0.64 9.54
C LEU A 220 -3.08 1.68 9.56
N LEU A 221 -3.14 2.58 8.60
CA LEU A 221 -4.14 3.63 8.62
C LEU A 221 -5.51 2.99 8.51
N ARG A 222 -6.40 3.34 9.45
CA ARG A 222 -7.75 2.79 9.44
C ARG A 222 -8.72 3.65 8.63
N ASP A 223 -9.72 3.03 8.01
CA ASP A 223 -10.80 3.78 7.33
C ASP A 223 -10.28 4.80 6.34
N ARG A 224 -9.20 4.48 5.65
CA ARG A 224 -8.62 5.45 4.72
C ARG A 224 -9.62 5.97 3.63
N TRP A 225 -10.45 5.11 3.06
CA TRP A 225 -11.31 5.56 1.96
C TRP A 225 -12.47 6.42 2.51
N GLU A 226 -12.89 6.18 3.74
CA GLU A 226 -13.78 7.09 4.43
C GLU A 226 -13.13 8.47 4.66
N LEU A 227 -11.89 8.56 5.14
CA LEU A 227 -11.24 9.88 5.30
C LEU A 227 -10.98 10.60 3.96
N VAL A 228 -10.73 9.83 2.89
CA VAL A 228 -10.55 10.43 1.55
C VAL A 228 -11.88 11.02 1.07
N ALA A 229 -12.95 10.25 1.19
CA ALA A 229 -14.28 10.80 0.87
C ALA A 229 -14.54 12.12 1.67
N ALA A 230 -14.15 12.14 2.93
CA ALA A 230 -14.34 13.30 3.80
C ALA A 230 -13.53 14.47 3.26
N ARG A 231 -12.30 14.20 2.85
CA ARG A 231 -11.44 15.24 2.27
C ARG A 231 -12.01 15.80 0.95
N ARG A 232 -12.57 14.92 0.14
CA ARG A 232 -13.27 15.34 -1.08
C ARG A 232 -14.47 16.21 -0.82
N ARG A 233 -15.32 15.79 0.12
CA ARG A 233 -16.51 16.54 0.51
C ARG A 233 -16.05 17.92 1.03
N GLU A 234 -14.99 17.98 1.83
CA GLU A 234 -14.41 19.25 2.31
C GLU A 234 -13.98 20.16 1.17
N ALA A 235 -13.24 19.60 0.21
CA ALA A 235 -12.68 20.39 -0.88
C ALA A 235 -13.78 20.87 -1.85
N GLY A 236 -14.94 20.23 -1.82
CA GLY A 236 -16.03 20.48 -2.76
C GLY A 236 -15.92 19.71 -4.09
N VAL A 237 -15.45 18.48 -4.05
CA VAL A 237 -15.40 17.62 -5.24
C VAL A 237 -16.54 16.58 -5.16
N ARG A 238 -17.26 16.33 -6.25
CA ARG A 238 -18.52 15.53 -6.20
C ARG A 238 -18.32 14.20 -5.50
N MET B 21 19.78 -12.29 11.23
CA MET B 21 18.49 -12.37 10.51
C MET B 21 18.28 -13.85 10.25
N GLY B 22 17.31 -14.47 10.93
CA GLY B 22 16.97 -15.90 10.72
C GLY B 22 15.67 -16.15 9.98
N PRO B 23 15.27 -17.42 9.88
CA PRO B 23 13.97 -17.78 9.33
C PRO B 23 12.83 -17.36 10.27
N VAL B 24 11.66 -17.13 9.70
CA VAL B 24 10.44 -16.94 10.50
C VAL B 24 9.42 -17.96 10.04
N TYR B 25 8.47 -18.30 10.90
CA TYR B 25 7.49 -19.28 10.57
C TYR B 25 6.16 -18.61 10.43
N VAL B 26 5.33 -19.16 9.54
CA VAL B 26 4.00 -18.58 9.31
C VAL B 26 2.97 -19.72 9.35
N SER B 27 1.78 -19.52 9.91
CA SER B 27 0.80 -20.56 9.84
C SER B 27 -0.63 -20.02 9.86
N GLY B 28 -1.58 -20.85 9.48
CA GLY B 28 -3.01 -20.41 9.48
C GLY B 28 -3.86 -21.40 8.73
N TYR B 29 -5.18 -21.16 8.69
CA TYR B 29 -6.10 -21.95 7.85
C TYR B 29 -6.02 -21.43 6.45
N LEU B 30 -5.89 -22.32 5.47
CA LEU B 30 -6.00 -21.96 4.04
C LEU B 30 -7.45 -21.85 3.55
N ALA B 31 -8.36 -22.54 4.25
CA ALA B 31 -9.80 -22.37 4.07
C ALA B 31 -10.49 -22.99 5.23
N LEU B 32 -11.73 -22.54 5.43
CA LEU B 32 -12.64 -23.18 6.35
C LEU B 32 -13.81 -23.82 5.61
N TYR B 33 -14.08 -25.09 5.92
CA TYR B 33 -15.12 -25.82 5.24
C TYR B 33 -16.46 -25.12 5.47
N ASP B 34 -17.25 -25.04 4.37
CA ASP B 34 -18.61 -24.50 4.37
C ASP B 34 -18.66 -23.00 4.53
N ARG B 35 -17.53 -22.30 4.55
CA ARG B 35 -17.57 -20.87 4.91
C ARG B 35 -17.49 -19.89 3.72
N ASP B 36 -17.38 -20.41 2.49
CA ASP B 36 -17.23 -19.58 1.29
C ASP B 36 -18.28 -20.05 0.34
N GLY B 37 -18.55 -19.23 -0.66
CA GLY B 37 -19.45 -19.63 -1.72
C GLY B 37 -18.75 -19.91 -3.04
N GLY B 38 -19.31 -20.85 -3.79
CA GLY B 38 -19.11 -20.94 -5.24
C GLY B 38 -17.70 -21.30 -5.65
N GLU B 39 -17.08 -20.38 -6.40
CA GLU B 39 -15.69 -20.46 -6.83
C GLU B 39 -14.82 -20.80 -5.64
N LEU B 40 -14.94 -19.98 -4.58
CA LEU B 40 -14.04 -20.10 -3.45
C LEU B 40 -14.12 -21.37 -2.58
N ALA B 41 -15.29 -22.00 -2.41
CA ALA B 41 -15.39 -23.10 -1.44
C ALA B 41 -14.39 -24.24 -1.73
N LEU B 42 -13.76 -24.70 -0.67
CA LEU B 42 -13.01 -25.94 -0.71
C LEU B 42 -13.78 -26.90 0.14
N THR B 43 -14.13 -28.03 -0.44
CA THR B 43 -14.81 -29.10 0.25
C THR B 43 -13.79 -30.04 0.89
N ARG B 44 -14.30 -30.89 1.78
CA ARG B 44 -13.49 -31.90 2.52
C ARG B 44 -12.91 -32.88 1.53
N GLU B 45 -13.74 -33.18 0.53
CA GLU B 45 -13.45 -34.14 -0.51
C GLU B 45 -12.29 -33.64 -1.34
N ILE B 46 -12.38 -32.39 -1.79
CA ILE B 46 -11.29 -31.76 -2.56
C ILE B 46 -9.98 -31.79 -1.76
N VAL B 47 -10.05 -31.44 -0.48
CA VAL B 47 -8.84 -31.37 0.34
C VAL B 47 -8.21 -32.75 0.54
N ALA B 48 -9.05 -33.69 0.96
CA ALA B 48 -8.69 -35.09 1.11
C ALA B 48 -7.95 -35.51 -0.16
N ALA B 49 -8.56 -35.20 -1.31
CA ALA B 49 -7.99 -35.57 -2.59
C ALA B 49 -6.67 -34.84 -2.93
N ALA B 50 -6.48 -33.66 -2.36
CA ALA B 50 -5.35 -32.83 -2.78
C ALA B 50 -4.16 -32.95 -1.84
N LEU B 51 -4.36 -33.65 -0.72
CA LEU B 51 -3.28 -33.89 0.28
C LEU B 51 -2.79 -35.36 0.38
N PRO B 52 -1.48 -35.57 0.64
CA PRO B 52 -0.53 -34.49 0.74
C PRO B 52 -0.16 -33.99 -0.66
N PRO B 53 0.53 -32.85 -0.73
CA PRO B 53 0.83 -32.31 -2.06
C PRO B 53 1.96 -33.01 -2.78
N ALA B 54 1.69 -33.29 -4.04
CA ALA B 54 2.62 -33.90 -4.99
C ALA B 54 4.03 -33.38 -4.88
N GLY B 55 4.20 -32.07 -4.73
CA GLY B 55 5.52 -31.47 -4.58
C GLY B 55 5.38 -30.38 -3.54
N PRO B 56 6.49 -29.71 -3.15
CA PRO B 56 6.48 -28.64 -2.12
C PRO B 56 5.81 -27.37 -2.64
N LEU B 57 4.95 -26.75 -1.84
CA LEU B 57 4.26 -25.52 -2.25
C LEU B 57 5.07 -24.31 -1.88
N PRO B 58 5.45 -23.47 -2.85
CA PRO B 58 6.18 -22.28 -2.48
C PRO B 58 5.29 -21.27 -1.80
N ILE B 59 5.89 -20.40 -1.00
CA ILE B 59 5.22 -19.22 -0.53
C ILE B 59 5.73 -18.01 -1.35
N ASN B 60 4.82 -17.19 -1.87
CA ASN B 60 5.27 -16.03 -2.58
C ASN B 60 4.49 -14.88 -2.06
N ILE B 61 4.82 -13.69 -2.58
CA ILE B 61 4.18 -12.47 -2.21
C ILE B 61 3.06 -12.14 -3.20
N ASP B 62 1.84 -12.18 -2.69
CA ASP B 62 0.64 -11.75 -3.42
C ASP B 62 0.53 -12.34 -4.81
N HIS B 63 0.91 -13.60 -4.97
CA HIS B 63 0.76 -14.36 -6.19
C HIS B 63 1.66 -13.90 -7.29
N ARG B 64 2.63 -13.06 -7.02
CA ARG B 64 3.54 -12.65 -8.08
C ARG B 64 4.43 -13.79 -8.36
N PRO B 65 4.79 -14.01 -9.63
CA PRO B 65 5.78 -15.01 -9.96
C PRO B 65 7.19 -14.41 -9.80
N ARG B 66 8.17 -15.29 -9.68
CA ARG B 66 9.56 -14.86 -9.51
C ARG B 66 9.74 -14.04 -8.21
N CYS B 67 8.97 -14.45 -7.21
N CYS B 67 8.96 -14.37 -7.18
CA CYS B 67 9.09 -13.87 -5.91
CA CYS B 67 9.22 -13.82 -5.86
C CYS B 67 8.74 -14.85 -4.83
C CYS B 67 8.84 -14.80 -4.77
N ASP B 68 9.35 -16.02 -4.88
CA ASP B 68 9.24 -16.97 -3.80
C ASP B 68 10.10 -16.56 -2.59
N ILE B 69 9.52 -16.57 -1.40
CA ILE B 69 10.28 -16.18 -0.21
C ILE B 69 10.30 -17.26 0.85
N GLY B 70 9.66 -18.39 0.58
CA GLY B 70 9.59 -19.45 1.55
C GLY B 70 8.88 -20.65 1.00
N ALA B 71 8.42 -21.52 1.89
CA ALA B 71 7.72 -22.70 1.46
C ALA B 71 6.82 -23.24 2.52
N VAL B 72 5.77 -23.91 2.09
CA VAL B 72 4.87 -24.57 2.99
C VAL B 72 5.53 -25.84 3.46
N LEU B 73 5.80 -25.94 4.75
CA LEU B 73 6.43 -27.15 5.31
C LEU B 73 5.41 -28.28 5.55
N ALA B 74 4.14 -28.00 5.74
CA ALA B 74 3.20 -29.09 5.94
C ALA B 74 1.81 -28.53 5.87
N VAL B 75 0.87 -29.35 5.36
CA VAL B 75 -0.58 -29.03 5.43
C VAL B 75 -1.33 -30.21 6.07
N VAL B 76 -2.33 -29.92 6.89
CA VAL B 76 -3.17 -30.96 7.45
C VAL B 76 -4.65 -30.59 7.35
N ASP B 77 -5.43 -31.65 7.44
CA ASP B 77 -6.86 -31.58 7.26
C ASP B 77 -7.42 -31.56 8.66
N ASP B 78 -7.45 -30.39 9.27
CA ASP B 78 -8.12 -30.25 10.53
C ASP B 78 -9.60 -30.32 10.26
N ASP B 79 -10.33 -30.67 11.30
CA ASP B 79 -11.79 -30.70 11.25
C ASP B 79 -12.43 -29.47 10.59
N ARG B 80 -11.92 -28.29 10.90
CA ARG B 80 -12.55 -27.07 10.42
C ARG B 80 -12.12 -26.72 9.00
N GLY B 81 -11.03 -27.33 8.52
CA GLY B 81 -10.38 -26.91 7.30
C GLY B 81 -8.90 -27.25 7.15
N PRO B 82 -8.34 -26.94 5.96
CA PRO B 82 -6.92 -27.24 5.79
C PRO B 82 -6.05 -26.14 6.44
N PHE B 83 -5.06 -26.59 7.17
CA PHE B 83 -4.26 -25.71 7.99
C PHE B 83 -2.80 -25.98 7.63
N PHE B 84 -2.03 -24.91 7.53
CA PHE B 84 -0.64 -25.04 7.12
C PHE B 84 0.34 -24.39 8.08
N LEU B 85 1.57 -24.88 7.99
CA LEU B 85 2.74 -24.25 8.60
C LEU B 85 3.81 -24.05 7.50
N GLY B 86 4.36 -22.85 7.44
CA GLY B 86 5.40 -22.53 6.49
C GLY B 86 6.59 -21.81 7.04
N VAL B 87 7.68 -21.80 6.26
CA VAL B 87 8.87 -21.01 6.60
C VAL B 87 9.06 -19.89 5.59
N VAL B 88 9.51 -18.73 6.09
CA VAL B 88 9.94 -17.57 5.26
C VAL B 88 11.36 -17.28 5.63
N ASN B 89 12.26 -17.30 4.68
CA ASN B 89 13.63 -16.99 5.00
C ASN B 89 14.30 -16.37 3.82
N CYS B 90 13.99 -15.10 3.61
CA CYS B 90 14.54 -14.27 2.56
C CYS B 90 15.28 -13.19 3.26
N PRO B 91 16.61 -13.23 3.18
CA PRO B 91 17.40 -12.35 4.03
C PRO B 91 17.21 -10.87 3.70
N GLN B 92 16.86 -10.55 2.48
CA GLN B 92 16.83 -9.14 2.10
C GLN B 92 15.51 -8.46 2.55
N LEU B 93 14.60 -9.25 3.11
CA LEU B 93 13.24 -8.80 3.34
C LEU B 93 13.22 -7.85 4.49
N GLY B 94 14.02 -8.21 5.47
CA GLY B 94 14.16 -7.36 6.63
C GLY B 94 14.80 -6.03 6.32
N ALA B 95 15.78 -6.03 5.43
CA ALA B 95 16.50 -4.81 5.15
C ALA B 95 15.55 -3.90 4.33
N VAL B 96 14.83 -4.47 3.36
CA VAL B 96 13.93 -3.68 2.52
C VAL B 96 12.82 -3.05 3.35
N LEU B 97 12.20 -3.86 4.20
CA LEU B 97 11.12 -3.37 5.03
C LEU B 97 11.56 -2.32 6.03
N ALA B 98 12.72 -2.54 6.58
CA ALA B 98 13.24 -1.60 7.58
C ALA B 98 13.68 -0.30 6.93
N ARG B 99 14.24 -0.40 5.74
CA ARG B 99 14.54 0.79 4.95
C ARG B 99 13.26 1.60 4.65
N ALA B 100 12.11 0.95 4.58
CA ALA B 100 10.87 1.62 4.15
C ALA B 100 10.26 2.51 5.23
N VAL B 101 10.43 2.13 6.49
CA VAL B 101 9.70 2.80 7.57
C VAL B 101 10.41 4.06 7.93
N GLY B 102 9.58 5.06 8.24
CA GLY B 102 10.06 6.33 8.71
C GLY B 102 10.88 6.07 9.96
N PRO B 103 11.70 7.05 10.34
CA PRO B 103 12.66 6.82 11.42
C PRO B 103 12.05 6.89 12.84
N ASP B 104 10.91 7.56 13.01
CA ASP B 104 10.22 7.58 14.29
C ASP B 104 9.04 6.62 14.20
N PHE B 105 9.16 5.56 13.41
CA PHE B 105 8.03 4.67 13.20
C PHE B 105 7.77 3.87 14.48
N PHE B 106 8.84 3.37 15.06
CA PHE B 106 8.76 2.62 16.31
C PHE B 106 8.81 3.50 17.60
N GLY B 107 8.66 4.81 17.45
CA GLY B 107 8.86 5.76 18.56
C GLY B 107 10.03 5.39 19.45
N ASP B 108 9.73 5.17 20.73
CA ASP B 108 10.74 4.89 21.76
C ASP B 108 11.13 3.44 21.94
N MET B 109 10.41 2.53 21.28
CA MET B 109 10.62 1.11 21.47
C MET B 109 11.96 0.63 21.00
N ARG B 110 12.59 -0.23 21.79
CA ARG B 110 13.80 -0.88 21.44
C ARG B 110 13.33 -2.25 21.01
N LEU B 111 13.63 -2.63 19.75
CA LEU B 111 13.23 -3.88 19.20
C LEU B 111 14.42 -4.56 18.54
N SER B 112 14.54 -5.87 18.66
CA SER B 112 15.56 -6.55 17.89
C SER B 112 15.19 -6.45 16.40
N ASP B 113 16.13 -6.82 15.53
CA ASP B 113 15.89 -6.84 14.12
C ASP B 113 14.85 -7.83 13.80
N GLU B 114 14.88 -8.97 14.47
CA GLU B 114 13.89 -9.96 14.20
C GLU B 114 12.49 -9.48 14.63
N GLU B 115 12.39 -8.75 15.72
CA GLU B 115 11.08 -8.30 16.17
C GLU B 115 10.50 -7.25 15.21
N ARG B 116 11.37 -6.43 14.64
CA ARG B 116 10.95 -5.39 13.75
C ARG B 116 10.35 -6.03 12.49
N LEU B 117 11.09 -6.99 11.92
CA LEU B 117 10.65 -7.77 10.79
C LEU B 117 9.30 -8.46 11.05
N LEU B 118 9.16 -9.18 12.15
CA LEU B 118 7.87 -9.87 12.41
C LEU B 118 6.74 -8.87 12.52
N TYR B 119 6.99 -7.75 13.17
CA TYR B 119 5.94 -6.75 13.26
C TYR B 119 5.52 -6.18 11.88
N LEU B 120 6.52 -5.81 11.07
CA LEU B 120 6.30 -5.27 9.78
C LEU B 120 5.62 -6.29 8.87
N LEU B 121 6.12 -7.51 8.83
CA LEU B 121 5.46 -8.55 8.01
C LEU B 121 4.06 -8.85 8.45
N SER B 122 3.87 -8.93 9.75
CA SER B 122 2.59 -9.29 10.30
C SER B 122 1.52 -8.30 9.85
N ASN B 123 1.88 -7.05 9.84
CA ASN B 123 0.93 -6.05 9.48
C ASN B 123 0.86 -5.73 7.99
N TYR B 124 1.94 -5.98 7.26
CA TYR B 124 1.98 -5.72 5.84
C TYR B 124 1.29 -6.85 5.10
N LEU B 125 1.45 -8.08 5.61
CA LEU B 125 0.92 -9.23 4.91
C LEU B 125 0.22 -10.18 5.86
N PRO B 126 -0.92 -9.75 6.36
CA PRO B 126 -1.57 -10.47 7.43
C PRO B 126 -2.38 -11.67 7.02
N SER B 127 -2.47 -11.99 5.73
CA SER B 127 -3.34 -13.10 5.31
C SER B 127 -2.60 -13.99 4.37
N ALA B 128 -3.21 -15.13 4.11
CA ALA B 128 -2.70 -16.03 3.08
C ALA B 128 -3.83 -16.43 2.12
N SER B 129 -3.41 -16.88 0.95
CA SER B 129 -4.27 -17.29 -0.14
C SER B 129 -3.69 -18.48 -0.86
N LEU B 130 -4.38 -19.60 -0.77
CA LEU B 130 -4.01 -20.85 -1.44
C LEU B 130 -4.48 -20.80 -2.89
N SER B 131 -3.54 -20.87 -3.81
CA SER B 131 -3.85 -20.86 -5.23
C SER B 131 -3.84 -22.28 -5.77
N SER B 132 -4.86 -22.60 -6.56
CA SER B 132 -5.00 -23.90 -7.22
C SER B 132 -4.77 -23.87 -8.73
N ARG B 133 -4.25 -24.98 -9.23
CA ARG B 133 -4.20 -25.26 -10.66
C ARG B 133 -5.62 -25.21 -11.30
N ARG B 134 -5.77 -24.53 -12.42
CA ARG B 134 -7.02 -24.58 -13.19
C ARG B 134 -7.09 -25.94 -13.90
N LEU B 135 -8.20 -26.65 -13.73
CA LEU B 135 -8.38 -27.99 -14.25
C LEU B 135 -9.05 -27.98 -15.62
N ALA B 136 -8.75 -29.02 -16.41
CA ALA B 136 -9.23 -29.14 -17.74
C ALA B 136 -10.58 -29.79 -17.58
N PRO B 137 -11.44 -29.61 -18.57
CA PRO B 137 -12.75 -30.23 -18.40
C PRO B 137 -12.62 -31.74 -18.38
N GLY B 138 -13.17 -32.38 -17.36
CA GLY B 138 -13.06 -33.84 -17.25
C GLY B 138 -11.92 -34.24 -16.33
N GLU B 139 -11.23 -33.25 -15.81
CA GLU B 139 -10.06 -33.51 -14.98
C GLU B 139 -10.46 -33.45 -13.51
N ALA B 140 -10.22 -34.53 -12.78
CA ALA B 140 -10.59 -34.62 -11.39
C ALA B 140 -9.46 -34.03 -10.55
N PRO B 141 -9.82 -33.44 -9.40
CA PRO B 141 -8.86 -32.90 -8.44
C PRO B 141 -7.96 -34.00 -7.89
N ASP B 142 -6.65 -33.79 -7.90
CA ASP B 142 -5.69 -34.75 -7.32
C ASP B 142 -4.59 -34.00 -6.53
N GLU B 143 -3.53 -34.73 -6.18
CA GLU B 143 -2.37 -34.20 -5.45
C GLU B 143 -1.60 -33.04 -6.13
N THR B 144 -1.77 -32.81 -7.41
CA THR B 144 -1.15 -31.65 -8.06
C THR B 144 -2.07 -30.41 -8.03
N LEU B 145 -3.22 -30.48 -7.36
CA LEU B 145 -4.21 -29.40 -7.46
C LEU B 145 -3.63 -28.09 -6.89
N PHE B 146 -2.97 -28.18 -5.73
CA PHE B 146 -2.44 -26.99 -5.04
C PHE B 146 -1.12 -26.47 -5.61
N ALA B 147 -1.06 -25.17 -5.84
CA ALA B 147 0.07 -24.59 -6.56
C ALA B 147 0.98 -23.79 -5.65
N HIS B 148 0.42 -22.88 -4.87
CA HIS B 148 1.25 -22.07 -4.03
C HIS B 148 0.41 -21.39 -2.96
N VAL B 149 1.09 -20.87 -1.95
CA VAL B 149 0.43 -20.01 -0.99
C VAL B 149 1.06 -18.70 -1.19
N ALA B 150 0.19 -17.71 -1.34
CA ALA B 150 0.57 -16.33 -1.43
C ALA B 150 0.32 -15.63 -0.09
N LEU B 151 1.29 -14.84 0.37
CA LEU B 151 1.03 -13.90 1.45
C LEU B 151 0.39 -12.64 0.89
N CYS B 152 -0.57 -12.04 1.61
CA CYS B 152 -1.40 -10.94 1.05
C CYS B 152 -2.09 -10.13 2.12
N VAL B 153 -2.96 -9.20 1.72
CA VAL B 153 -3.58 -8.34 2.71
C VAL B 153 -4.83 -9.01 3.28
N ILE B 154 -5.76 -9.34 2.42
CA ILE B 154 -6.97 -10.05 2.81
C ILE B 154 -7.12 -11.12 1.75
N GLY B 155 -7.32 -12.36 2.13
CA GLY B 155 -7.55 -13.39 1.17
C GLY B 155 -9.02 -13.44 0.92
N ARG B 156 -9.42 -14.00 -0.21
CA ARG B 156 -10.82 -14.02 -0.62
C ARG B 156 -11.61 -15.00 0.28
N ARG B 157 -10.94 -16.04 0.81
CA ARG B 157 -11.60 -17.01 1.67
C ARG B 157 -11.74 -16.53 3.11
N VAL B 158 -12.80 -17.03 3.74
CA VAL B 158 -13.09 -16.73 5.12
C VAL B 158 -12.02 -17.38 6.03
N GLY B 159 -11.62 -16.64 7.06
CA GLY B 159 -10.77 -17.19 8.11
C GLY B 159 -9.29 -17.38 7.77
N THR B 160 -8.80 -16.76 6.69
CA THR B 160 -7.41 -16.99 6.19
C THR B 160 -6.40 -15.93 6.68
N ILE B 161 -6.48 -15.59 7.97
CA ILE B 161 -5.48 -14.81 8.60
C ILE B 161 -4.27 -15.71 8.83
N VAL B 162 -3.09 -15.10 8.95
CA VAL B 162 -1.95 -15.89 9.36
C VAL B 162 -1.30 -15.32 10.62
N VAL B 163 -0.45 -16.15 11.23
CA VAL B 163 0.34 -15.71 12.35
C VAL B 163 1.80 -15.94 12.01
N TYR B 164 2.63 -14.93 12.25
CA TYR B 164 4.09 -15.06 12.10
C TYR B 164 4.75 -15.15 13.42
N ASP B 165 5.77 -15.98 13.55
CA ASP B 165 6.57 -16.02 14.81
C ASP B 165 7.98 -16.61 14.56
N ALA B 166 8.84 -16.59 15.57
CA ALA B 166 10.23 -16.96 15.43
C ALA B 166 10.41 -18.46 15.54
N SER B 167 9.39 -19.16 15.99
CA SER B 167 9.42 -20.60 16.01
C SER B 167 8.08 -21.21 15.56
N PRO B 168 8.13 -22.45 15.09
CA PRO B 168 6.93 -23.08 14.55
C PRO B 168 5.86 -23.34 15.58
N GLU B 169 6.22 -23.78 16.75
CA GLU B 169 5.22 -24.07 17.79
C GLU B 169 4.59 -22.76 18.25
N ALA B 170 5.38 -21.70 18.32
CA ALA B 170 4.79 -20.36 18.62
C ALA B 170 3.91 -19.86 17.48
N ALA B 171 4.28 -20.11 16.24
CA ALA B 171 3.43 -19.68 15.09
C ALA B 171 2.05 -20.31 15.11
N VAL B 172 1.97 -21.52 15.59
CA VAL B 172 0.74 -22.29 15.60
C VAL B 172 -0.09 -22.10 16.86
N ALA B 173 0.53 -21.71 17.95
CA ALA B 173 -0.18 -21.65 19.23
C ALA B 173 -1.48 -20.80 19.34
N PRO B 174 -1.58 -19.68 18.66
CA PRO B 174 -2.80 -18.82 18.82
C PRO B 174 -4.09 -19.40 18.26
N PHE B 175 -3.99 -20.42 17.43
CA PHE B 175 -5.14 -21.07 16.83
C PHE B 175 -5.75 -22.05 17.80
N ARG B 176 -6.57 -21.47 18.66
CA ARG B 176 -7.21 -22.18 19.74
C ARG B 176 -8.26 -23.26 19.32
N GLN B 177 -8.65 -23.42 18.07
CA GLN B 177 -9.57 -24.52 17.74
C GLN B 177 -8.96 -25.54 16.83
N LEU B 178 -7.67 -25.44 16.60
CA LEU B 178 -6.98 -26.42 15.80
C LEU B 178 -6.89 -27.66 16.68
N SER B 179 -7.33 -28.81 16.18
CA SER B 179 -7.29 -30.01 17.02
C SER B 179 -5.86 -30.38 17.42
N ALA B 180 -5.70 -31.02 18.56
CA ALA B 180 -4.36 -31.40 19.04
C ALA B 180 -3.75 -32.44 18.10
N ARG B 181 -4.61 -33.29 17.54
CA ARG B 181 -4.16 -34.31 16.59
C ARG B 181 -3.55 -33.62 15.38
N ALA B 182 -4.32 -32.72 14.78
CA ALA B 182 -3.86 -32.03 13.58
C ALA B 182 -2.59 -31.26 13.86
N ARG B 183 -2.58 -30.59 15.01
CA ARG B 183 -1.44 -29.80 15.43
C ARG B 183 -0.20 -30.68 15.57
N SER B 184 -0.32 -31.83 16.23
CA SER B 184 0.83 -32.79 16.33
C SER B 184 1.25 -33.31 14.96
N GLU B 185 0.28 -33.57 14.10
CA GLU B 185 0.60 -34.14 12.79
C GLU B 185 1.31 -33.05 11.97
N LEU B 186 0.80 -31.82 12.06
CA LEU B 186 1.40 -30.71 11.36
C LEU B 186 2.89 -30.57 11.73
N LEU B 187 3.17 -30.54 13.01
CA LEU B 187 4.52 -30.26 13.45
C LEU B 187 5.42 -31.38 13.07
N ALA B 188 4.94 -32.61 13.13
CA ALA B 188 5.78 -33.75 12.75
C ALA B 188 6.20 -33.67 11.30
N ARG B 189 5.23 -33.45 10.42
CA ARG B 189 5.56 -33.44 8.99
C ARG B 189 6.52 -32.30 8.70
N ALA B 190 6.33 -31.18 9.39
CA ALA B 190 7.17 -30.00 9.13
C ALA B 190 8.58 -30.27 9.58
N ALA B 191 8.68 -30.98 10.67
CA ALA B 191 9.98 -31.34 11.22
C ALA B 191 10.77 -32.16 10.21
N GLU B 192 10.08 -32.87 9.31
CA GLU B 192 10.79 -33.60 8.26
C GLU B 192 10.63 -33.02 6.86
N SER B 193 10.33 -31.72 6.73
CA SER B 193 10.28 -31.11 5.39
C SER B 193 11.69 -30.88 4.86
N PRO B 194 11.90 -31.08 3.57
CA PRO B 194 13.21 -30.76 3.01
C PRO B 194 13.45 -29.27 2.83
N ASP B 195 12.44 -28.43 3.11
CA ASP B 195 12.56 -27.01 2.91
C ASP B 195 12.90 -26.32 4.22
N ARG B 196 12.94 -27.08 5.32
CA ARG B 196 13.16 -26.54 6.68
C ARG B 196 14.36 -25.58 6.79
N GLU B 197 15.44 -25.83 6.06
CA GLU B 197 16.67 -25.02 6.23
C GLU B 197 17.02 -24.22 5.01
N ARG B 198 16.15 -24.20 4.02
CA ARG B 198 16.40 -23.43 2.81
C ARG B 198 16.40 -21.94 3.08
N VAL B 199 17.07 -21.22 2.20
CA VAL B 199 17.12 -19.77 2.16
C VAL B 199 16.71 -19.32 0.75
N TRP B 200 16.05 -18.18 0.64
CA TRP B 200 15.51 -17.68 -0.60
C TRP B 200 16.09 -16.29 -0.82
N HIS B 201 17.13 -16.20 -1.63
CA HIS B 201 17.74 -14.94 -1.90
C HIS B 201 16.93 -14.23 -3.01
N MET B 202 16.89 -12.91 -2.91
CA MET B 202 16.34 -12.05 -3.97
C MET B 202 17.17 -10.78 -3.93
N SER B 203 17.40 -10.13 -5.04
CA SER B 203 17.97 -8.78 -4.98
C SER B 203 17.00 -7.82 -4.25
N GLU B 204 17.57 -6.79 -3.64
CA GLU B 204 16.80 -5.76 -3.00
C GLU B 204 15.80 -5.16 -3.95
N GLU B 205 16.22 -4.96 -5.18
CA GLU B 205 15.38 -4.31 -6.17
C GLU B 205 14.20 -5.17 -6.49
N ALA B 206 14.43 -6.46 -6.69
CA ALA B 206 13.32 -7.34 -7.08
C ALA B 206 12.32 -7.47 -5.93
N LEU B 207 12.82 -7.49 -4.71
CA LEU B 207 11.93 -7.60 -3.56
C LEU B 207 11.08 -6.31 -3.32
N THR B 208 11.72 -5.15 -3.52
CA THR B 208 11.04 -3.88 -3.32
C THR B 208 9.93 -3.82 -4.32
N ARG B 209 10.21 -4.18 -5.58
CA ARG B 209 9.18 -4.25 -6.59
C ARG B 209 8.03 -5.11 -6.16
N ALA B 210 8.32 -6.27 -5.61
CA ALA B 210 7.24 -7.23 -5.30
C ALA B 210 6.40 -6.73 -4.15
N LEU B 211 7.03 -6.09 -3.18
CA LEU B 211 6.26 -5.55 -2.04
C LEU B 211 5.42 -4.32 -2.48
N LEU B 212 5.95 -3.52 -3.40
CA LEU B 212 5.21 -2.35 -3.85
C LEU B 212 4.00 -2.84 -4.55
N SER B 213 4.17 -3.94 -5.27
CA SER B 213 3.09 -4.52 -6.04
C SER B 213 1.91 -4.89 -5.17
N THR B 214 2.16 -5.44 -4.00
CA THR B 214 1.06 -5.79 -3.10
C THR B 214 0.29 -4.54 -2.67
N ALA B 215 1.03 -3.47 -2.40
CA ALA B 215 0.44 -2.19 -2.00
C ALA B 215 -0.48 -1.65 -3.09
N VAL B 216 0.03 -1.63 -4.29
CA VAL B 216 -0.71 -1.14 -5.47
C VAL B 216 -1.96 -1.98 -5.68
N ASN B 217 -1.80 -3.30 -5.78
CA ASN B 217 -2.95 -4.17 -5.99
C ASN B 217 -4.00 -4.15 -4.92
N ASN B 218 -3.63 -3.76 -3.72
CA ASN B 218 -4.58 -3.72 -2.61
C ASN B 218 -5.00 -2.31 -2.17
N MET B 219 -4.51 -1.28 -2.86
CA MET B 219 -4.78 0.08 -2.40
C MET B 219 -6.27 0.41 -2.33
N LEU B 220 -7.07 -0.12 -3.27
CA LEU B 220 -8.49 0.17 -3.33
C LEU B 220 -9.32 -0.51 -2.24
N LEU B 221 -8.78 -1.52 -1.58
CA LEU B 221 -9.52 -2.29 -0.58
C LEU B 221 -10.11 -1.48 0.58
N ARG B 222 -11.40 -1.68 0.84
CA ARG B 222 -12.07 -0.95 1.90
C ARG B 222 -12.09 -1.76 3.19
N ASP B 223 -12.08 -1.03 4.31
CA ASP B 223 -12.20 -1.59 5.66
C ASP B 223 -11.29 -2.75 5.94
N ARG B 224 -10.04 -2.66 5.53
CA ARG B 224 -9.12 -3.79 5.63
C ARG B 224 -8.88 -4.23 7.06
N TRP B 225 -8.82 -3.29 8.01
CA TRP B 225 -8.49 -3.69 9.37
C TRP B 225 -9.68 -4.30 10.08
N GLU B 226 -10.87 -3.82 9.74
CA GLU B 226 -12.10 -4.43 10.21
C GLU B 226 -12.20 -5.84 9.63
N LEU B 227 -11.80 -6.00 8.35
CA LEU B 227 -11.83 -7.33 7.70
C LEU B 227 -10.76 -8.25 8.29
N VAL B 228 -9.61 -7.70 8.59
CA VAL B 228 -8.59 -8.46 9.37
C VAL B 228 -9.19 -8.94 10.69
N ALA B 229 -9.75 -8.04 11.50
CA ALA B 229 -10.28 -8.47 12.78
C ALA B 229 -11.31 -9.58 12.59
N ALA B 230 -12.11 -9.47 11.52
CA ALA B 230 -13.15 -10.47 11.27
C ALA B 230 -12.53 -11.83 10.91
N ARG B 231 -11.49 -11.79 10.09
CA ARG B 231 -10.75 -12.99 9.70
C ARG B 231 -10.11 -13.69 10.91
N ARG B 232 -9.70 -12.90 11.88
CA ARG B 232 -9.17 -13.45 13.11
C ARG B 232 -10.21 -14.19 13.93
N ARG B 233 -11.39 -13.57 14.06
CA ARG B 233 -12.48 -14.18 14.75
C ARG B 233 -12.88 -15.44 14.03
N GLU B 234 -12.98 -15.39 12.70
CA GLU B 234 -13.39 -16.57 11.91
C GLU B 234 -12.46 -17.78 12.15
N ALA B 235 -11.17 -17.53 12.19
CA ALA B 235 -10.18 -18.58 12.29
C ALA B 235 -10.05 -19.12 13.74
N GLY B 236 -10.50 -18.34 14.71
CA GLY B 236 -10.41 -18.72 16.11
C GLY B 236 -9.09 -18.30 16.76
N VAL B 237 -8.60 -17.11 16.43
CA VAL B 237 -7.43 -16.55 17.07
C VAL B 237 -7.98 -15.47 17.98
N ARG B 238 -7.45 -15.35 19.19
CA ARG B 238 -8.00 -14.36 20.12
C ARG B 238 -7.84 -13.04 19.38
N GLY B 239 -9.00 -12.39 19.19
CA GLY B 239 -9.10 -11.15 18.45
C GLY B 239 -8.36 -10.05 19.18
N HIS B 240 -7.66 -9.24 18.39
CA HIS B 240 -6.90 -8.12 18.88
C HIS B 240 -7.86 -7.07 19.38
N THR B 241 -7.71 -6.66 20.62
CA THR B 241 -8.53 -5.58 21.12
C THR B 241 -7.71 -4.32 21.30
N TYR B 242 -8.45 -3.21 21.41
CA TYR B 242 -7.91 -1.86 21.43
C TYR B 242 -8.61 -1.02 22.52
N LEU B 243 -9.17 -1.70 23.52
CA LEU B 243 -9.99 -1.09 24.59
C LEU B 243 -9.17 -0.22 25.56
N GLN B 244 -7.85 -0.47 25.63
CA GLN B 244 -6.90 0.29 26.48
C GLN B 244 -5.99 1.16 25.58
CL CL C . -15.56 34.69 -9.58
CL CL D . -11.22 2.13 4.09
CL CL E . -0.12 18.19 6.02
CL CL F . 2.23 31.69 -8.96
MG MG G . -10.97 12.05 -17.70
CL CL H . -9.61 -0.08 7.80
CL CL I . -7.88 -15.77 -1.78
CL CL J . 2.26 -31.55 3.61
#